data_3SHP
#
_entry.id   3SHP
#
_cell.length_a   89.196
_cell.length_b   89.196
_cell.length_c   115.726
_cell.angle_alpha   90.000
_cell.angle_beta   90.000
_cell.angle_gamma   90.000
#
_symmetry.space_group_name_H-M   'P 42 21 2'
#
loop_
_entity.id
_entity.type
_entity.pdbx_description
1 polymer 'Putative acetyltransferase Sthe_0691'
2 non-polymer 'S,R MESO-TARTARIC ACID'
3 water water
#
_entity_poly.entity_id   1
_entity_poly.type   'polypeptide(L)'
_entity_poly.pdbx_seq_one_letter_code
;SNA(MSE)QAVYLTGPTVYLRA(MSE)VEDDKHHAAAWFDSRFPVNAARAEAFLKEKLQGDPWDARWHLLAIVRRSDEAV
VGSCRIEFGKQTASLRFH(MSE)APWLDDADVLRAEALELVVPWLRDEHELLVITVEIAADEQRTLAAAEAAGLKAAVR
(MSE)REAIARAGHRVDLLIYQAVDPKVEADHA
;
_entity_poly.pdbx_strand_id   A,B
#
# COMPACT_ATOMS: atom_id res chain seq x y z
N GLN A 5 -5.18 13.97 -7.92
CA GLN A 5 -4.77 15.23 -7.28
C GLN A 5 -5.81 16.37 -7.40
N ALA A 6 -6.74 16.27 -8.35
CA ALA A 6 -7.74 17.34 -8.56
C ALA A 6 -9.03 17.13 -7.74
N VAL A 7 -9.18 15.96 -7.12
CA VAL A 7 -10.39 15.61 -6.43
C VAL A 7 -10.67 16.58 -5.27
N TYR A 8 -11.85 17.19 -5.28
CA TYR A 8 -12.31 18.01 -4.18
C TYR A 8 -13.82 17.86 -4.06
N LEU A 9 -14.25 17.13 -3.04
CA LEU A 9 -15.63 16.73 -2.89
C LEU A 9 -16.00 17.17 -1.49
N THR A 10 -16.82 18.21 -1.40
CA THR A 10 -17.13 18.76 -0.08
C THR A 10 -18.61 18.76 0.23
N GLY A 11 -18.92 18.47 1.49
CA GLY A 11 -20.28 18.56 1.99
C GLY A 11 -20.30 19.56 3.12
N PRO A 12 -21.40 19.58 3.90
CA PRO A 12 -21.58 20.53 5.02
C PRO A 12 -20.57 20.33 6.17
N THR A 13 -20.05 19.12 6.31
CA THR A 13 -19.22 18.79 7.47
C THR A 13 -17.81 18.35 7.11
N VAL A 14 -17.70 17.51 6.06
CA VAL A 14 -16.41 16.99 5.66
C VAL A 14 -16.11 17.23 4.19
N TYR A 15 -14.83 17.14 3.83
CA TYR A 15 -14.48 17.08 2.42
C TYR A 15 -13.49 15.98 2.19
N LEU A 16 -13.45 15.52 0.95
CA LEU A 16 -12.58 14.45 0.52
C LEU A 16 -11.55 15.03 -0.44
N ARG A 17 -10.32 14.59 -0.26
CA ARG A 17 -9.21 14.98 -1.12
C ARG A 17 -8.22 13.82 -1.08
N ALA A 18 -7.28 13.79 -2.01
CA ALA A 18 -6.26 12.75 -2.05
C ALA A 18 -5.54 12.69 -0.70
N VAL A 20 -2.44 12.12 1.53
CA VAL A 20 -1.02 12.33 1.30
C VAL A 20 -0.21 11.70 2.45
N GLU A 21 1.09 11.54 2.24
CA GLU A 21 2.00 10.86 3.20
C GLU A 21 1.90 11.40 4.64
N ASP A 22 1.76 12.72 4.75
CA ASP A 22 1.51 13.42 6.00
C ASP A 22 0.28 12.86 6.76
N ASP A 23 -0.83 12.71 6.06
CA ASP A 23 -2.01 12.07 6.66
C ASP A 23 -1.71 10.69 7.25
N LYS A 24 -1.07 9.84 6.43
CA LYS A 24 -0.79 8.46 6.79
C LYS A 24 0.08 8.40 8.03
N HIS A 25 1.07 9.29 8.08
CA HIS A 25 1.98 9.31 9.20
C HIS A 25 1.22 9.68 10.49
N HIS A 26 0.54 10.82 10.49
N HIS A 26 0.50 10.79 10.45
CA HIS A 26 -0.23 11.25 11.68
CA HIS A 26 -0.21 11.28 11.64
C HIS A 26 -1.21 10.18 12.16
C HIS A 26 -1.39 10.40 12.10
N ALA A 27 -1.89 9.54 11.21
CA ALA A 27 -2.93 8.56 11.55
C ALA A 27 -2.39 7.15 11.80
N ALA A 28 -1.06 7.00 11.86
CA ALA A 28 -0.42 5.68 11.92
C ALA A 28 -0.91 4.77 13.05
N ALA A 29 -1.31 5.38 14.17
CA ALA A 29 -1.84 4.61 15.31
C ALA A 29 -3.08 3.80 14.91
N TRP A 30 -3.92 4.37 14.05
CA TRP A 30 -5.13 3.64 13.65
C TRP A 30 -5.21 3.31 12.17
N PHE A 31 -4.46 4.00 11.33
CA PHE A 31 -4.60 3.75 9.92
C PHE A 31 -3.50 2.83 9.41
N ASP A 32 -3.90 1.70 8.86
CA ASP A 32 -2.94 0.72 8.39
C ASP A 32 -2.68 1.05 6.94
N SER A 33 -1.45 1.45 6.65
CA SER A 33 -1.03 1.78 5.30
C SER A 33 -0.81 0.56 4.42
N ARG A 34 -0.70 -0.63 5.03
CA ARG A 34 -0.39 -1.81 4.24
C ARG A 34 -1.60 -2.17 3.40
N PHE A 35 -1.34 -2.78 2.24
CA PHE A 35 -2.43 -3.09 1.33
C PHE A 35 -3.22 -4.32 1.77
N PRO A 36 -4.55 -4.21 1.70
CA PRO A 36 -5.38 -5.41 1.86
C PRO A 36 -5.45 -6.13 0.50
N VAL A 37 -6.12 -7.28 0.43
CA VAL A 37 -6.23 -7.97 -0.87
C VAL A 37 -7.12 -7.22 -1.86
N ASN A 38 -8.14 -6.53 -1.36
CA ASN A 38 -9.02 -5.74 -2.20
C ASN A 38 -9.65 -4.67 -1.32
N ALA A 39 -10.45 -3.78 -1.91
CA ALA A 39 -11.16 -2.75 -1.15
C ALA A 39 -12.61 -3.14 -0.85
N ALA A 40 -13.10 -4.22 -1.43
CA ALA A 40 -14.39 -4.80 -1.00
C ALA A 40 -14.30 -6.32 -1.10
N ARG A 41 -14.31 -6.93 0.09
CA ARG A 41 -14.20 -8.35 0.39
C ARG A 41 -15.02 -9.39 -0.38
N ALA A 42 -16.27 -9.02 -0.68
CA ALA A 42 -17.19 -9.90 -1.38
C ALA A 42 -17.99 -9.06 -2.35
N GLU A 43 -18.63 -9.72 -3.31
CA GLU A 43 -19.39 -9.01 -4.34
C GLU A 43 -20.28 -10.06 -5.01
N ALA A 44 -21.39 -9.63 -5.60
CA ALA A 44 -22.17 -10.57 -6.43
C ALA A 44 -21.24 -11.21 -7.46
N PHE A 45 -21.46 -12.49 -7.72
CA PHE A 45 -20.67 -13.18 -8.72
C PHE A 45 -21.04 -12.68 -10.11
N LEU A 46 -20.10 -12.02 -10.77
CA LEU A 46 -20.32 -11.53 -12.14
C LEU A 46 -19.07 -11.87 -12.96
N LYS A 47 -19.08 -11.53 -14.26
CA LYS A 47 -18.01 -11.97 -15.19
C LYS A 47 -16.67 -11.44 -14.73
N GLU A 48 -15.66 -12.32 -14.69
CA GLU A 48 -14.30 -11.94 -14.27
C GLU A 48 -13.74 -10.75 -15.03
N LYS A 49 -14.01 -10.71 -16.34
CA LYS A 49 -13.46 -9.69 -17.23
C LYS A 49 -13.69 -8.25 -16.72
N LEU A 50 -14.81 -8.04 -16.02
CA LEU A 50 -15.12 -6.72 -15.46
C LEU A 50 -14.02 -6.16 -14.57
N GLN A 51 -13.25 -7.04 -13.91
CA GLN A 51 -12.17 -6.61 -13.03
C GLN A 51 -10.90 -6.29 -13.81
N GLY A 52 -10.71 -6.93 -14.96
CA GLY A 52 -9.50 -6.78 -15.76
C GLY A 52 -8.27 -7.41 -15.13
N ASP A 53 -7.11 -7.09 -15.69
CA ASP A 53 -5.81 -7.61 -15.22
C ASP A 53 -5.28 -6.91 -13.96
N PRO A 54 -4.62 -7.67 -13.05
CA PRO A 54 -4.05 -7.09 -11.83
C PRO A 54 -2.97 -6.01 -12.07
N TRP A 55 -2.18 -6.14 -13.14
CA TRP A 55 -1.22 -5.11 -13.53
C TRP A 55 -1.93 -3.79 -13.78
N ASP A 56 -3.18 -3.85 -14.23
CA ASP A 56 -3.95 -2.65 -14.59
C ASP A 56 -4.83 -2.09 -13.46
N ALA A 57 -4.87 -2.78 -12.33
CA ALA A 57 -5.64 -2.31 -11.18
C ALA A 57 -5.05 -0.98 -10.66
N ARG A 58 -5.93 -0.09 -10.21
CA ARG A 58 -5.49 1.20 -9.69
C ARG A 58 -6.11 1.43 -8.31
N TRP A 59 -5.26 1.64 -7.31
CA TRP A 59 -5.70 1.88 -5.94
C TRP A 59 -5.54 3.34 -5.58
N HIS A 60 -6.49 3.83 -4.82
CA HIS A 60 -6.45 5.24 -4.41
C HIS A 60 -6.88 5.37 -2.99
N LEU A 61 -6.44 6.45 -2.38
CA LEU A 61 -6.82 6.78 -1.03
C LEU A 61 -7.29 8.22 -0.95
N LEU A 62 -8.49 8.42 -0.41
CA LEU A 62 -9.01 9.73 -0.16
C LEU A 62 -9.05 9.96 1.35
N ALA A 63 -8.55 11.10 1.80
CA ALA A 63 -8.71 11.50 3.18
C ALA A 63 -10.09 12.07 3.38
N ILE A 64 -10.71 11.78 4.51
CA ILE A 64 -11.96 12.45 4.86
C ILE A 64 -11.57 13.51 5.90
N VAL A 65 -11.85 14.77 5.59
CA VAL A 65 -11.32 15.87 6.39
C VAL A 65 -12.47 16.67 6.98
N ARG A 66 -12.46 16.83 8.29
CA ARG A 66 -13.48 17.63 8.94
C ARG A 66 -13.20 19.09 8.70
N ARG A 67 -14.18 19.76 8.09
CA ARG A 67 -14.09 21.18 7.75
C ARG A 67 -13.83 22.11 8.96
N SER A 68 -14.58 21.95 10.05
CA SER A 68 -14.43 22.88 11.20
C SER A 68 -12.99 23.00 11.71
N ASP A 69 -12.25 21.89 11.76
CA ASP A 69 -10.88 21.95 12.31
C ASP A 69 -9.78 21.38 11.41
N GLU A 70 -10.15 20.94 10.21
CA GLU A 70 -9.19 20.37 9.25
C GLU A 70 -8.58 19.06 9.68
N ALA A 71 -9.21 18.38 10.64
CA ALA A 71 -8.73 17.10 11.12
C ALA A 71 -9.05 16.01 10.11
N VAL A 72 -8.09 15.12 9.88
CA VAL A 72 -8.35 13.95 9.06
C VAL A 72 -9.08 12.98 9.98
N VAL A 73 -10.37 12.72 9.67
CA VAL A 73 -11.22 11.90 10.52
C VAL A 73 -11.44 10.49 9.96
N GLY A 74 -10.96 10.26 8.73
CA GLY A 74 -11.03 8.93 8.19
C GLY A 74 -10.43 8.88 6.82
N SER A 75 -10.59 7.74 6.16
N SER A 75 -10.58 7.73 6.16
CA SER A 75 -10.08 7.55 4.82
CA SER A 75 -10.04 7.53 4.82
C SER A 75 -11.06 6.70 4.04
C SER A 75 -10.96 6.62 4.03
N CYS A 76 -11.02 6.85 2.74
CA CYS A 76 -11.83 6.02 1.89
C CYS A 76 -10.87 5.30 0.96
N ARG A 77 -10.80 3.98 1.07
CA ARG A 77 -9.92 3.22 0.19
C ARG A 77 -10.66 2.73 -1.05
N ILE A 78 -10.15 3.08 -2.21
CA ILE A 78 -10.81 2.71 -3.43
C ILE A 78 -9.91 1.82 -4.29
N GLU A 79 -10.49 0.78 -4.89
CA GLU A 79 -9.75 -0.09 -5.82
C GLU A 79 -10.49 -0.15 -7.15
N PHE A 80 -9.87 0.34 -8.22
CA PHE A 80 -10.49 0.24 -9.54
C PHE A 80 -10.01 -1.02 -10.23
N GLY A 81 -10.93 -1.68 -10.92
CA GLY A 81 -10.56 -2.65 -11.94
C GLY A 81 -10.84 -2.02 -13.29
N LYS A 82 -11.06 -2.83 -14.31
CA LYS A 82 -11.34 -2.27 -15.63
C LYS A 82 -12.65 -1.48 -15.66
N GLN A 83 -13.73 -2.09 -15.20
CA GLN A 83 -15.02 -1.44 -15.21
C GLN A 83 -15.67 -1.41 -13.83
N THR A 84 -14.86 -1.59 -12.78
CA THR A 84 -15.37 -1.73 -11.42
C THR A 84 -14.72 -0.75 -10.47
N ALA A 85 -15.44 -0.36 -9.44
CA ALA A 85 -14.87 0.39 -8.33
C ALA A 85 -15.35 -0.25 -7.04
N SER A 86 -14.40 -0.56 -6.16
CA SER A 86 -14.68 -1.16 -4.87
C SER A 86 -14.10 -0.26 -3.79
N LEU A 87 -14.80 -0.12 -2.67
CA LEU A 87 -14.36 0.78 -1.62
C LEU A 87 -14.83 0.42 -0.23
N ARG A 88 -14.06 0.90 0.74
CA ARG A 88 -14.37 0.72 2.13
C ARG A 88 -13.85 1.94 2.88
N PHE A 89 -14.37 2.18 4.06
CA PHE A 89 -14.03 3.37 4.83
C PHE A 89 -13.33 2.93 6.10
N HIS A 90 -12.39 3.74 6.56
CA HIS A 90 -11.70 3.51 7.82
C HIS A 90 -11.84 4.82 8.59
N ALA A 92 -11.50 7.29 12.09
CA ALA A 92 -10.69 7.38 13.30
C ALA A 92 -11.47 6.85 14.49
N PRO A 93 -10.82 6.03 15.32
CA PRO A 93 -11.46 5.44 16.49
C PRO A 93 -11.82 6.45 17.59
N TRP A 94 -11.12 7.58 17.63
CA TRP A 94 -11.41 8.64 18.60
C TRP A 94 -12.63 9.48 18.24
N LEU A 95 -13.23 9.24 17.08
CA LEU A 95 -14.38 10.05 16.68
C LEU A 95 -15.58 9.83 17.60
N ASP A 96 -16.30 10.89 17.88
CA ASP A 96 -17.49 10.79 18.74
C ASP A 96 -18.62 10.03 18.06
N ASP A 97 -18.87 10.35 16.78
CA ASP A 97 -19.93 9.73 16.00
C ASP A 97 -19.43 9.50 14.56
N ALA A 98 -18.71 8.42 14.38
CA ALA A 98 -18.07 8.14 13.15
C ALA A 98 -19.11 7.96 12.02
N ASP A 99 -20.28 7.43 12.35
CA ASP A 99 -21.28 7.04 11.34
C ASP A 99 -21.81 8.23 10.54
N VAL A 100 -22.06 9.37 11.22
CA VAL A 100 -22.58 10.58 10.53
C VAL A 100 -21.58 11.08 9.48
N LEU A 101 -20.31 11.04 9.84
CA LEU A 101 -19.26 11.53 8.97
C LEU A 101 -18.94 10.54 7.85
N ARG A 102 -18.88 9.25 8.17
CA ARG A 102 -18.81 8.20 7.14
C ARG A 102 -19.94 8.28 6.12
N ALA A 103 -21.16 8.48 6.60
CA ALA A 103 -22.33 8.55 5.73
C ALA A 103 -22.21 9.75 4.76
N GLU A 104 -21.80 10.90 5.28
CA GLU A 104 -21.60 12.08 4.45
C GLU A 104 -20.52 11.81 3.40
N ALA A 105 -19.43 11.16 3.82
CA ALA A 105 -18.34 10.82 2.90
C ALA A 105 -18.85 9.93 1.76
N LEU A 106 -19.73 8.99 2.09
CA LEU A 106 -20.29 8.11 1.07
C LEU A 106 -21.19 8.90 0.10
N GLU A 107 -21.98 9.83 0.65
CA GLU A 107 -22.80 10.72 -0.19
C GLU A 107 -21.95 11.48 -1.19
N LEU A 108 -20.77 11.90 -0.77
CA LEU A 108 -19.88 12.69 -1.60
C LEU A 108 -19.19 11.87 -2.65
N VAL A 109 -18.68 10.70 -2.29
CA VAL A 109 -17.81 9.94 -3.18
C VAL A 109 -18.59 9.20 -4.29
N VAL A 110 -19.82 8.76 -4.02
CA VAL A 110 -20.58 7.99 -5.02
C VAL A 110 -20.91 8.77 -6.31
N PRO A 111 -21.47 9.99 -6.19
CA PRO A 111 -21.77 10.67 -7.45
C PRO A 111 -20.50 10.95 -8.28
N TRP A 112 -19.40 11.25 -7.59
CA TRP A 112 -18.09 11.42 -8.24
C TRP A 112 -17.68 10.13 -8.99
N LEU A 113 -17.88 8.99 -8.35
CA LEU A 113 -17.55 7.69 -8.94
C LEU A 113 -18.38 7.39 -10.19
N ARG A 114 -19.69 7.67 -10.13
CA ARG A 114 -20.58 7.46 -11.28
C ARG A 114 -20.24 8.37 -12.46
N ASP A 115 -19.97 9.64 -12.18
CA ASP A 115 -19.75 10.63 -13.24
C ASP A 115 -18.35 10.62 -13.87
N GLU A 116 -17.33 10.60 -13.03
CA GLU A 116 -15.96 10.87 -13.53
C GLU A 116 -15.24 9.63 -14.07
N HIS A 117 -15.97 8.50 -14.08
CA HIS A 117 -15.37 7.23 -14.43
C HIS A 117 -16.37 6.39 -15.23
N GLU A 118 -15.86 5.38 -15.93
CA GLU A 118 -16.72 4.54 -16.77
C GLU A 118 -17.01 3.16 -16.17
N LEU A 119 -17.84 3.17 -15.13
CA LEU A 119 -18.01 1.99 -14.31
C LEU A 119 -19.31 1.29 -14.61
N LEU A 120 -19.26 -0.04 -14.61
CA LEU A 120 -20.45 -0.85 -14.70
C LEU A 120 -20.83 -1.35 -13.29
N VAL A 121 -19.88 -1.30 -12.35
CA VAL A 121 -20.08 -1.82 -10.98
C VAL A 121 -19.40 -0.97 -9.91
N ILE A 122 -20.16 -0.63 -8.88
CA ILE A 122 -19.67 0.05 -7.68
C ILE A 122 -20.01 -0.84 -6.50
N THR A 123 -19.04 -1.07 -5.63
CA THR A 123 -19.13 -2.08 -4.58
C THR A 123 -18.60 -1.45 -3.29
N VAL A 124 -19.44 -1.42 -2.26
CA VAL A 124 -19.13 -0.74 -1.00
C VAL A 124 -19.38 -1.66 0.21
N GLU A 125 -18.40 -1.73 1.11
CA GLU A 125 -18.54 -2.47 2.38
C GLU A 125 -19.22 -1.56 3.39
N ILE A 126 -20.29 -2.07 4.02
CA ILE A 126 -20.99 -1.35 5.09
C ILE A 126 -21.49 -2.32 6.16
N ALA A 127 -21.14 -2.07 7.42
CA ALA A 127 -21.53 -2.99 8.48
C ALA A 127 -23.01 -2.83 8.74
N ALA A 128 -23.69 -3.90 9.14
CA ALA A 128 -25.12 -3.87 9.27
C ALA A 128 -25.60 -2.90 10.35
N ASP A 129 -24.74 -2.48 11.29
CA ASP A 129 -25.18 -1.54 12.34
C ASP A 129 -24.84 -0.09 11.98
N GLU A 130 -24.32 0.12 10.78
CA GLU A 130 -23.98 1.47 10.36
C GLU A 130 -25.16 2.20 9.70
N GLN A 131 -26.13 2.56 10.54
CA GLN A 131 -27.45 3.07 10.13
C GLN A 131 -27.43 4.17 9.08
N ARG A 132 -26.73 5.24 9.41
CA ARG A 132 -26.66 6.39 8.54
C ARG A 132 -25.93 6.07 7.25
N THR A 133 -24.83 5.32 7.35
CA THR A 133 -24.09 4.91 6.16
C THR A 133 -24.96 4.00 5.26
N LEU A 134 -25.69 3.07 5.86
CA LEU A 134 -26.63 2.26 5.07
C LEU A 134 -27.64 3.16 4.35
N ALA A 135 -28.18 4.15 5.08
CA ALA A 135 -29.18 5.03 4.49
C ALA A 135 -28.58 5.87 3.37
N ALA A 136 -27.32 6.30 3.54
CA ALA A 136 -26.65 7.07 2.48
C ALA A 136 -26.51 6.21 1.24
N ALA A 137 -26.20 4.94 1.42
CA ALA A 137 -25.99 4.04 0.29
C ALA A 137 -27.29 3.83 -0.49
N GLU A 138 -28.36 3.60 0.26
CA GLU A 138 -29.68 3.45 -0.34
C GLU A 138 -30.08 4.68 -1.14
N ALA A 139 -29.89 5.89 -0.57
CA ALA A 139 -30.21 7.12 -1.29
C ALA A 139 -29.30 7.34 -2.51
N ALA A 140 -28.07 6.83 -2.46
CA ALA A 140 -27.20 6.87 -3.64
C ALA A 140 -27.55 5.82 -4.70
N GLY A 141 -28.59 5.01 -4.46
CA GLY A 141 -29.04 4.04 -5.46
C GLY A 141 -28.27 2.72 -5.42
N LEU A 142 -27.51 2.49 -4.34
CA LEU A 142 -26.90 1.19 -4.09
C LEU A 142 -27.90 0.28 -3.40
N LYS A 143 -27.72 -1.03 -3.61
CA LYS A 143 -28.57 -2.07 -3.03
C LYS A 143 -27.76 -3.19 -2.37
N ALA A 144 -28.27 -3.66 -1.23
CA ALA A 144 -27.62 -4.73 -0.49
C ALA A 144 -27.56 -5.98 -1.35
N ALA A 145 -26.35 -6.49 -1.56
CA ALA A 145 -26.14 -7.59 -2.50
C ALA A 145 -25.63 -8.85 -1.80
N VAL A 146 -24.82 -8.64 -0.76
CA VAL A 146 -24.15 -9.74 -0.08
C VAL A 146 -24.27 -9.54 1.41
N ARG A 147 -24.51 -10.63 2.12
CA ARG A 147 -24.48 -10.62 3.58
C ARG A 147 -23.32 -11.51 4.04
N ARG A 149 -22.31 -12.95 7.45
CA ARG A 149 -22.87 -13.04 8.81
C ARG A 149 -21.81 -12.95 9.90
N GLU A 150 -22.02 -12.00 10.79
CA GLU A 150 -21.21 -11.87 11.99
C GLU A 150 -19.75 -11.70 11.66
N ALA A 151 -19.48 -11.02 10.56
CA ALA A 151 -18.12 -10.84 10.12
C ALA A 151 -17.41 -9.77 10.93
N ILE A 152 -18.14 -8.86 11.57
CA ILE A 152 -17.53 -7.69 12.21
C ILE A 152 -17.64 -7.77 13.74
N ALA A 153 -16.50 -7.78 14.43
CA ALA A 153 -16.47 -7.71 15.91
C ALA A 153 -16.97 -6.36 16.44
N ARG A 154 -17.89 -6.39 17.40
CA ARG A 154 -18.27 -5.23 18.19
C ARG A 154 -18.11 -5.59 19.67
N ALA A 155 -18.45 -4.64 20.53
CA ALA A 155 -18.33 -4.87 21.94
C ALA A 155 -19.43 -5.83 22.34
N GLY A 156 -19.02 -7.02 22.84
CA GLY A 156 -19.96 -8.00 23.33
C GLY A 156 -20.70 -8.85 22.29
N HIS A 157 -20.52 -8.58 21.00
CA HIS A 157 -21.32 -9.22 19.95
C HIS A 157 -20.66 -8.96 18.62
N ARG A 158 -21.22 -9.53 17.55
CA ARG A 158 -20.72 -9.36 16.20
C ARG A 158 -21.87 -8.96 15.32
N VAL A 159 -21.58 -8.22 14.25
CA VAL A 159 -22.60 -7.82 13.30
C VAL A 159 -22.19 -8.20 11.87
N ASP A 160 -23.17 -8.27 10.98
CA ASP A 160 -22.90 -8.67 9.62
C ASP A 160 -22.15 -7.57 8.90
N LEU A 161 -21.27 -7.97 7.99
CA LEU A 161 -20.80 -7.04 6.98
C LEU A 161 -21.71 -7.18 5.77
N LEU A 162 -22.20 -6.06 5.26
CA LEU A 162 -23.05 -6.04 4.10
C LEU A 162 -22.25 -5.47 2.95
N ILE A 163 -22.50 -5.96 1.74
CA ILE A 163 -21.89 -5.40 0.53
C ILE A 163 -22.99 -4.80 -0.32
N TYR A 164 -22.91 -3.49 -0.51
CA TYR A 164 -23.88 -2.75 -1.31
C TYR A 164 -23.29 -2.55 -2.69
N GLN A 165 -24.13 -2.64 -3.71
CA GLN A 165 -23.70 -2.52 -5.11
C GLN A 165 -24.68 -1.76 -5.96
N ALA A 166 -24.16 -1.07 -6.97
CA ALA A 166 -24.96 -0.72 -8.13
C ALA A 166 -24.27 -1.37 -9.31
N VAL A 167 -25.08 -2.06 -10.10
CA VAL A 167 -24.60 -2.77 -11.27
C VAL A 167 -25.41 -2.33 -12.49
N ASP A 168 -24.72 -1.78 -13.48
CA ASP A 168 -25.31 -1.36 -14.74
C ASP A 168 -26.17 -2.47 -15.36
N PRO A 169 -27.35 -2.11 -15.89
CA PRO A 169 -28.25 -3.06 -16.56
C PRO A 169 -27.54 -3.98 -17.58
N LYS A 170 -26.62 -3.43 -18.37
CA LYS A 170 -25.89 -4.20 -19.40
C LYS A 170 -25.33 -5.52 -18.88
N VAL A 171 -24.90 -5.53 -17.62
CA VAL A 171 -24.34 -6.72 -16.99
C VAL A 171 -25.45 -7.69 -16.56
N GLN B 5 31.15 5.64 -0.66
CA GLN B 5 30.85 7.03 -0.26
C GLN B 5 30.70 7.98 -1.47
N ALA B 6 31.33 7.63 -2.58
CA ALA B 6 31.26 8.46 -3.79
C ALA B 6 30.33 7.87 -4.88
N VAL B 7 29.43 6.98 -4.48
CA VAL B 7 28.52 6.29 -5.40
C VAL B 7 27.10 6.89 -5.35
N TYR B 8 26.61 7.33 -6.51
CA TYR B 8 25.26 7.89 -6.66
C TYR B 8 24.63 7.28 -7.90
N LEU B 9 23.52 6.59 -7.70
CA LEU B 9 22.79 5.98 -8.82
C LEU B 9 21.47 6.71 -8.93
N THR B 10 21.32 7.45 -10.04
CA THR B 10 20.18 8.34 -10.20
C THR B 10 19.24 7.82 -11.30
N GLY B 11 17.98 7.69 -10.95
CA GLY B 11 16.95 7.33 -11.92
C GLY B 11 16.01 8.51 -12.08
N PRO B 12 14.92 8.35 -12.85
CA PRO B 12 14.04 9.53 -13.03
C PRO B 12 13.33 10.01 -11.74
N THR B 13 13.24 9.17 -10.70
CA THR B 13 12.38 9.47 -9.55
C THR B 13 13.14 9.48 -8.24
N VAL B 14 14.09 8.56 -8.11
CA VAL B 14 14.89 8.45 -6.92
C VAL B 14 16.36 8.39 -7.29
N TYR B 15 17.21 8.55 -6.28
CA TYR B 15 18.60 8.21 -6.41
C TYR B 15 19.08 7.50 -5.16
N LEU B 16 20.13 6.71 -5.32
CA LEU B 16 20.71 5.97 -4.23
C LEU B 16 22.10 6.53 -3.94
N ARG B 17 22.40 6.66 -2.65
CA ARG B 17 23.75 7.02 -2.22
C ARG B 17 24.02 6.33 -0.88
N ALA B 18 25.26 6.38 -0.41
CA ALA B 18 25.57 5.75 0.86
C ALA B 18 24.65 6.29 1.97
N VAL B 20 23.75 7.39 5.63
CA VAL B 20 24.51 7.92 6.76
C VAL B 20 23.68 7.90 8.05
N GLU B 21 24.37 8.15 9.15
CA GLU B 21 23.77 7.96 10.48
C GLU B 21 22.44 8.68 10.59
N ASP B 22 22.39 9.90 10.07
CA ASP B 22 21.18 10.70 10.15
C ASP B 22 20.01 10.03 9.43
N ASP B 23 20.26 9.44 8.25
CA ASP B 23 19.22 8.68 7.57
C ASP B 23 18.70 7.55 8.47
N LYS B 24 19.62 6.82 9.12
CA LYS B 24 19.23 5.66 9.93
C LYS B 24 18.40 6.12 11.13
N HIS B 25 18.79 7.26 11.69
CA HIS B 25 18.06 7.90 12.80
C HIS B 25 16.59 7.97 12.46
N HIS B 26 16.28 8.58 11.33
CA HIS B 26 14.89 8.74 10.92
C HIS B 26 14.20 7.46 10.40
N ALA B 27 14.95 6.56 9.81
CA ALA B 27 14.39 5.30 9.37
C ALA B 27 14.00 4.40 10.55
N ALA B 28 14.69 4.54 11.69
CA ALA B 28 14.34 3.78 12.89
C ALA B 28 12.86 3.87 13.22
N ALA B 29 12.27 5.05 13.04
CA ALA B 29 10.84 5.18 13.30
C ALA B 29 9.96 4.45 12.30
N TRP B 30 10.52 3.97 11.18
CA TRP B 30 9.73 3.15 10.27
C TRP B 30 9.36 1.82 10.92
N PHE B 31 9.36 1.79 12.26
CA PHE B 31 9.04 0.59 13.04
C PHE B 31 8.24 0.86 14.34
N ASP B 32 8.31 2.09 14.86
CA ASP B 32 7.44 2.52 15.96
C ASP B 32 5.97 2.35 15.53
N SER B 33 5.55 1.09 15.37
CA SER B 33 4.26 0.75 14.73
C SER B 33 3.66 -0.59 15.16
N ARG B 34 2.34 -0.65 15.23
CA ARG B 34 1.66 -1.91 15.49
C ARG B 34 1.35 -2.73 14.22
N PHE B 35 1.74 -2.26 13.04
CA PHE B 35 1.46 -2.98 11.79
C PHE B 35 2.71 -3.40 10.98
N PRO B 36 3.61 -4.26 11.55
CA PRO B 36 4.82 -4.63 10.72
C PRO B 36 4.51 -5.35 9.37
N VAL B 37 5.36 -5.18 8.35
CA VAL B 37 5.40 -6.11 7.18
C VAL B 37 6.31 -7.34 7.51
N ASN B 38 7.37 -7.11 8.27
CA ASN B 38 8.18 -8.24 8.74
C ASN B 38 8.71 -8.06 10.17
N ALA B 39 9.41 -9.07 10.66
CA ALA B 39 10.13 -8.92 11.91
C ALA B 39 11.61 -8.62 11.63
N ALA B 40 12.48 -9.55 12.05
CA ALA B 40 13.90 -9.29 12.32
C ALA B 40 14.87 -9.04 11.15
N ALA B 44 12.90 -2.12 15.54
N ALA B 44 15.98 -4.00 11.89
CA ALA B 44 13.68 -1.44 14.52
CA ALA B 44 16.35 -5.37 11.52
C ALA B 44 14.93 -2.22 14.16
C ALA B 44 17.85 -5.51 11.60
N PHE B 45 15.96 -1.51 13.76
N PHE B 45 18.49 -4.37 11.65
CA PHE B 45 17.20 -2.14 13.40
CA PHE B 45 19.90 -4.32 11.53
C PHE B 45 17.89 -2.52 14.68
C PHE B 45 20.44 -3.85 12.87
N LEU B 46 18.97 -3.27 14.57
N LEU B 46 19.59 -4.00 13.89
CA LEU B 46 19.73 -3.66 15.72
CA LEU B 46 19.90 -3.74 15.32
C LEU B 46 21.17 -3.19 15.57
C LEU B 46 21.25 -3.04 15.51
N LYS B 47 21.84 -3.10 16.71
CA LYS B 47 23.21 -2.60 16.86
C LYS B 47 24.16 -3.31 15.85
N GLU B 48 24.68 -2.54 14.90
CA GLU B 48 25.77 -3.00 14.04
C GLU B 48 27.13 -2.50 14.54
N ASP B 53 31.85 -8.14 13.34
CA ASP B 53 32.71 -9.31 13.17
C ASP B 53 32.06 -10.59 13.74
N PRO B 54 31.93 -11.66 12.91
CA PRO B 54 32.34 -11.68 11.50
C PRO B 54 31.19 -11.38 10.55
N TRP B 55 29.96 -11.55 11.03
CA TRP B 55 28.77 -11.48 10.19
C TRP B 55 28.32 -10.04 9.90
N ASP B 56 28.78 -9.10 10.74
CA ASP B 56 28.51 -7.68 10.54
C ASP B 56 29.55 -6.96 9.64
N ALA B 57 30.41 -7.76 9.01
CA ALA B 57 31.39 -7.26 8.02
C ALA B 57 30.86 -7.24 6.57
N ARG B 58 30.04 -8.21 6.23
CA ARG B 58 29.65 -8.45 4.83
C ARG B 58 28.64 -7.46 4.22
N TRP B 59 28.00 -6.62 5.04
CA TRP B 59 26.85 -5.82 4.55
C TRP B 59 26.94 -4.29 4.62
N HIS B 60 26.07 -3.61 3.83
CA HIS B 60 26.21 -2.19 3.44
C HIS B 60 24.82 -1.58 3.12
N LEU B 61 24.61 -0.31 3.46
CA LEU B 61 23.31 0.31 3.23
C LEU B 61 23.34 1.52 2.28
N LEU B 62 22.34 1.58 1.41
CA LEU B 62 22.13 2.66 0.48
C LEU B 62 20.80 3.28 0.80
N ALA B 63 20.76 4.59 0.93
CA ALA B 63 19.50 5.28 1.13
C ALA B 63 18.83 5.46 -0.24
N ILE B 64 17.50 5.35 -0.30
CA ILE B 64 16.75 5.67 -1.51
C ILE B 64 16.12 7.03 -1.25
N VAL B 65 16.50 8.02 -2.06
CA VAL B 65 16.09 9.39 -1.84
C VAL B 65 15.20 9.81 -2.99
N ARG B 66 14.01 10.32 -2.68
CA ARG B 66 13.10 10.78 -3.69
C ARG B 66 13.57 12.13 -4.23
N ARG B 67 13.70 12.24 -5.54
CA ARG B 67 14.29 13.43 -6.13
C ARG B 67 13.47 14.71 -5.96
N SER B 68 12.14 14.56 -5.95
CA SER B 68 11.24 15.73 -5.93
C SER B 68 11.39 16.54 -4.64
N ASP B 69 11.62 15.88 -3.52
CA ASP B 69 11.65 16.60 -2.27
C ASP B 69 12.84 16.24 -1.41
N GLU B 70 13.78 15.46 -1.98
CA GLU B 70 14.94 14.99 -1.22
C GLU B 70 14.60 14.19 0.04
N ALA B 71 13.43 13.57 0.10
CA ALA B 71 13.09 12.75 1.26
C ALA B 71 13.72 11.35 1.14
N VAL B 72 14.25 10.86 2.27
CA VAL B 72 14.73 9.51 2.38
C VAL B 72 13.47 8.65 2.51
N VAL B 73 13.23 7.76 1.55
CA VAL B 73 11.95 7.07 1.48
C VAL B 73 12.14 5.58 1.58
N GLY B 74 13.38 5.10 1.59
CA GLY B 74 13.63 3.68 1.73
C GLY B 74 15.09 3.39 1.84
N SER B 75 15.42 2.10 1.87
N SER B 75 15.44 2.11 1.91
CA SER B 75 16.79 1.65 2.07
CA SER B 75 16.85 1.74 2.05
C SER B 75 17.04 0.47 1.17
C SER B 75 17.10 0.42 1.36
N CYS B 76 18.29 0.27 0.79
CA CYS B 76 18.66 -0.96 0.09
C CYS B 76 19.85 -1.52 0.82
N ARG B 77 19.68 -2.71 1.40
CA ARG B 77 20.73 -3.40 2.14
C ARG B 77 21.44 -4.39 1.21
N ILE B 78 22.76 -4.27 1.08
CA ILE B 78 23.53 -5.17 0.24
C ILE B 78 24.53 -5.96 1.08
N GLU B 79 24.33 -7.27 1.22
CA GLU B 79 25.21 -8.14 1.99
C GLU B 79 26.10 -8.94 1.00
N PHE B 80 27.41 -8.93 1.22
CA PHE B 80 28.37 -9.55 0.28
C PHE B 80 28.93 -10.88 0.77
N GLY B 81 29.03 -11.83 -0.15
CA GLY B 81 29.95 -12.97 -0.03
C GLY B 81 31.17 -12.71 -0.92
N LYS B 82 32.15 -13.62 -0.88
CA LYS B 82 33.29 -13.52 -1.81
C LYS B 82 32.78 -13.47 -3.25
N GLN B 83 31.94 -14.43 -3.59
CA GLN B 83 31.36 -14.51 -4.92
C GLN B 83 30.11 -13.63 -5.11
N THR B 84 29.41 -13.34 -4.00
CA THR B 84 27.98 -12.98 -4.01
C THR B 84 27.61 -11.58 -3.53
N ALA B 85 26.40 -11.15 -3.90
CA ALA B 85 25.75 -9.95 -3.36
C ALA B 85 24.26 -10.24 -3.21
N SER B 86 23.69 -9.93 -2.05
CA SER B 86 22.29 -10.18 -1.81
C SER B 86 21.62 -8.90 -1.33
N LEU B 87 20.49 -8.57 -1.96
CA LEU B 87 19.78 -7.31 -1.67
C LEU B 87 18.49 -7.49 -0.89
N ARG B 88 18.17 -6.49 -0.07
CA ARG B 88 16.94 -6.45 0.71
C ARG B 88 16.49 -5.01 0.82
N PHE B 89 15.21 -4.75 0.54
CA PHE B 89 14.70 -3.39 0.60
C PHE B 89 13.81 -3.19 1.80
N HIS B 90 13.86 -2.00 2.38
CA HIS B 90 12.87 -1.61 3.34
C HIS B 90 12.40 -0.20 3.00
N ALA B 92 9.77 3.21 3.66
CA ALA B 92 9.00 3.88 4.68
C ALA B 92 7.51 3.44 4.62
N PRO B 93 6.88 3.25 5.79
CA PRO B 93 5.50 2.74 5.76
C PRO B 93 4.48 3.72 5.17
N TRP B 94 4.75 5.01 5.26
CA TRP B 94 3.80 6.03 4.79
C TRP B 94 4.00 6.32 3.32
N LEU B 95 4.92 5.62 2.68
CA LEU B 95 5.38 6.00 1.33
C LEU B 95 4.32 5.83 0.26
N ASP B 96 4.10 6.88 -0.52
CA ASP B 96 3.26 6.82 -1.72
C ASP B 96 4.02 6.09 -2.81
N ASP B 97 3.36 5.17 -3.50
CA ASP B 97 3.95 4.48 -4.67
C ASP B 97 5.20 3.72 -4.34
N ALA B 98 5.19 3.00 -3.23
CA ALA B 98 6.39 2.35 -2.74
C ALA B 98 6.91 1.31 -3.74
N ASP B 99 6.01 0.62 -4.42
CA ASP B 99 6.42 -0.44 -5.32
C ASP B 99 7.10 0.09 -6.59
N VAL B 100 6.60 1.22 -7.10
CA VAL B 100 7.24 1.93 -8.22
C VAL B 100 8.65 2.41 -7.82
N LEU B 101 8.77 2.99 -6.63
CA LEU B 101 10.05 3.55 -6.22
C LEU B 101 11.06 2.45 -5.93
N ARG B 102 10.60 1.39 -5.26
CA ARG B 102 11.45 0.23 -4.96
C ARG B 102 11.90 -0.43 -6.26
N ALA B 103 10.99 -0.56 -7.21
CA ALA B 103 11.33 -1.18 -8.49
C ALA B 103 12.44 -0.37 -9.18
N GLU B 104 12.30 0.96 -9.12
CA GLU B 104 13.31 1.85 -9.72
C GLU B 104 14.69 1.72 -9.04
N ALA B 105 14.70 1.71 -7.71
CA ALA B 105 15.94 1.39 -6.98
C ALA B 105 16.57 0.07 -7.44
N LEU B 106 15.78 -0.99 -7.56
CA LEU B 106 16.31 -2.25 -8.04
C LEU B 106 16.94 -2.08 -9.41
N GLU B 107 16.19 -1.40 -10.28
CA GLU B 107 16.60 -1.10 -11.65
C GLU B 107 17.97 -0.37 -11.64
N LEU B 108 18.21 0.44 -10.61
CA LEU B 108 19.45 1.16 -10.47
C LEU B 108 20.57 0.31 -9.88
N VAL B 109 20.29 -0.43 -8.81
CA VAL B 109 21.34 -1.20 -8.10
C VAL B 109 21.92 -2.38 -8.90
N VAL B 110 21.06 -3.13 -9.60
CA VAL B 110 21.49 -4.32 -10.38
C VAL B 110 22.54 -3.98 -11.45
N PRO B 111 22.26 -3.02 -12.36
CA PRO B 111 23.30 -2.70 -13.35
C PRO B 111 24.59 -2.20 -12.70
N TRP B 112 24.48 -1.53 -11.56
CA TRP B 112 25.67 -1.07 -10.84
C TRP B 112 26.53 -2.25 -10.38
N LEU B 113 25.87 -3.29 -9.86
CA LEU B 113 26.53 -4.50 -9.39
C LEU B 113 27.12 -5.29 -10.54
N ARG B 114 26.60 -5.05 -11.74
CA ARG B 114 27.15 -5.67 -12.93
C ARG B 114 28.27 -4.85 -13.56
N ASP B 115 28.03 -3.57 -13.80
CA ASP B 115 28.98 -2.74 -14.55
C ASP B 115 30.14 -2.24 -13.69
N GLU B 116 30.04 -2.46 -12.37
CA GLU B 116 31.04 -1.96 -11.41
C GLU B 116 31.50 -2.99 -10.37
N HIS B 117 31.10 -4.25 -10.55
CA HIS B 117 31.58 -5.33 -9.68
C HIS B 117 31.83 -6.56 -10.54
N GLU B 118 32.42 -7.57 -9.93
CA GLU B 118 32.66 -8.84 -10.59
C GLU B 118 32.06 -9.93 -9.75
N LEU B 119 30.78 -10.21 -9.99
CA LEU B 119 30.01 -11.14 -9.17
C LEU B 119 29.52 -12.31 -9.98
N LEU B 120 29.51 -13.49 -9.35
CA LEU B 120 29.03 -14.70 -10.01
C LEU B 120 27.52 -14.82 -9.82
N VAL B 121 27.02 -14.30 -8.69
CA VAL B 121 25.63 -14.42 -8.28
C VAL B 121 25.10 -13.16 -7.58
N ILE B 122 23.99 -12.63 -8.09
CA ILE B 122 23.25 -11.55 -7.43
C ILE B 122 21.88 -12.09 -6.96
N THR B 123 21.57 -11.84 -5.69
CA THR B 123 20.36 -12.32 -5.02
C THR B 123 19.52 -11.14 -4.55
N VAL B 124 18.19 -11.23 -4.73
CA VAL B 124 17.29 -10.18 -4.23
C VAL B 124 16.05 -10.81 -3.60
N GLU B 125 15.67 -10.30 -2.43
CA GLU B 125 14.39 -10.66 -1.80
C GLU B 125 13.26 -9.76 -2.25
N ILE B 126 12.15 -10.36 -2.67
CA ILE B 126 11.00 -9.59 -3.14
C ILE B 126 9.71 -10.33 -2.77
N ALA B 127 8.75 -9.61 -2.19
CA ALA B 127 7.48 -10.24 -1.82
C ALA B 127 6.70 -10.60 -3.09
N ALA B 128 5.91 -11.66 -3.01
CA ALA B 128 5.21 -12.19 -4.18
C ALA B 128 4.17 -11.25 -4.76
N ASP B 129 3.79 -10.21 -4.00
CA ASP B 129 2.78 -9.27 -4.46
C ASP B 129 3.38 -7.93 -4.94
N GLU B 130 4.71 -7.85 -5.00
CA GLU B 130 5.37 -6.61 -5.38
C GLU B 130 5.58 -6.57 -6.91
N GLN B 131 4.46 -6.39 -7.61
CA GLN B 131 4.38 -6.55 -9.07
C GLN B 131 5.51 -5.87 -9.81
N ARG B 132 5.74 -4.61 -9.49
CA ARG B 132 6.67 -3.80 -10.26
C ARG B 132 8.11 -4.12 -9.91
N THR B 133 8.35 -4.47 -8.65
CA THR B 133 9.67 -4.87 -8.26
C THR B 133 10.04 -6.21 -8.93
N LEU B 134 9.11 -7.18 -8.91
CA LEU B 134 9.25 -8.44 -9.64
C LEU B 134 9.54 -8.22 -11.13
N ALA B 135 8.81 -7.30 -11.75
CA ALA B 135 8.96 -7.05 -13.17
C ALA B 135 10.33 -6.50 -13.48
N ALA B 136 10.88 -5.69 -12.59
CA ALA B 136 12.23 -5.14 -12.79
C ALA B 136 13.31 -6.23 -12.58
N ALA B 137 13.07 -7.12 -11.61
CA ALA B 137 13.99 -8.25 -11.39
C ALA B 137 14.03 -9.14 -12.64
N GLU B 138 12.86 -9.45 -13.22
CA GLU B 138 12.84 -10.26 -14.44
C GLU B 138 13.51 -9.55 -15.63
N ALA B 139 13.29 -8.24 -15.76
CA ALA B 139 13.95 -7.44 -16.81
C ALA B 139 15.45 -7.35 -16.64
N ALA B 140 15.92 -7.44 -15.40
CA ALA B 140 17.34 -7.42 -15.13
C ALA B 140 17.95 -8.81 -15.34
N GLY B 141 17.16 -9.81 -15.72
CA GLY B 141 17.66 -11.16 -15.93
C GLY B 141 17.55 -12.13 -14.74
N LEU B 142 16.97 -11.68 -13.62
CA LEU B 142 16.85 -12.53 -12.45
C LEU B 142 15.66 -13.47 -12.57
N LYS B 143 15.81 -14.68 -12.04
CA LYS B 143 14.74 -15.68 -12.01
C LYS B 143 14.49 -16.12 -10.56
N ALA B 144 13.25 -16.49 -10.24
CA ALA B 144 12.92 -16.92 -8.89
C ALA B 144 13.64 -18.21 -8.58
N ALA B 145 14.18 -18.31 -7.36
CA ALA B 145 15.01 -19.43 -7.00
C ALA B 145 14.48 -20.12 -5.77
N VAL B 146 13.99 -19.32 -4.80
CA VAL B 146 13.51 -19.84 -3.53
C VAL B 146 12.19 -19.13 -3.18
N ARG B 147 11.28 -19.85 -2.54
N ARG B 147 11.27 -19.87 -2.58
CA ARG B 147 10.04 -19.26 -2.07
CA ARG B 147 10.03 -19.28 -2.08
C ARG B 147 9.78 -19.64 -0.63
C ARG B 147 9.82 -19.65 -0.63
N ARG B 149 6.86 -19.42 2.12
CA ARG B 149 5.43 -19.24 2.16
C ARG B 149 5.06 -18.29 3.27
N GLU B 150 4.13 -17.38 2.98
CA GLU B 150 3.51 -16.48 3.98
C GLU B 150 4.45 -15.86 5.03
N ALA B 151 5.59 -15.34 4.55
CA ALA B 151 6.62 -14.73 5.39
C ALA B 151 6.46 -13.20 5.52
N ILE B 152 5.57 -12.61 4.74
CA ILE B 152 5.45 -11.17 4.74
C ILE B 152 4.01 -10.81 5.13
N ALA B 153 3.90 -9.92 6.10
CA ALA B 153 2.60 -9.51 6.64
C ALA B 153 2.05 -8.33 5.84
N ARG B 154 0.76 -8.39 5.51
CA ARG B 154 0.08 -7.30 4.84
C ARG B 154 -1.17 -7.02 5.69
N ALA B 155 -2.12 -6.26 5.17
CA ALA B 155 -3.29 -5.94 5.94
C ALA B 155 -4.28 -7.09 5.85
N GLY B 156 -4.49 -7.79 6.97
CA GLY B 156 -5.39 -8.95 7.04
C GLY B 156 -4.96 -10.22 6.28
N HIS B 157 -3.71 -10.29 5.80
CA HIS B 157 -3.25 -11.49 5.10
C HIS B 157 -1.72 -11.47 5.04
N ARG B 158 -1.13 -12.58 4.58
CA ARG B 158 0.31 -12.67 4.39
C ARG B 158 0.66 -13.07 2.98
N VAL B 159 1.87 -12.69 2.55
CA VAL B 159 2.33 -13.05 1.24
C VAL B 159 3.67 -13.74 1.32
N ASP B 160 4.03 -14.47 0.27
CA ASP B 160 5.30 -15.20 0.23
C ASP B 160 6.47 -14.29 -0.06
N LEU B 161 7.61 -14.66 0.50
CA LEU B 161 8.84 -13.96 0.15
C LEU B 161 9.53 -14.75 -0.98
N LEU B 162 9.90 -14.08 -2.07
CA LEU B 162 10.59 -14.75 -3.16
C LEU B 162 12.06 -14.34 -3.14
N ILE B 163 12.93 -15.30 -3.43
CA ILE B 163 14.32 -14.97 -3.64
C ILE B 163 14.62 -15.15 -5.10
N TYR B 164 14.98 -14.04 -5.73
CA TYR B 164 15.39 -13.98 -7.11
C TYR B 164 16.90 -13.96 -7.17
N GLN B 165 17.42 -14.55 -8.25
CA GLN B 165 18.85 -14.65 -8.50
C GLN B 165 19.17 -14.59 -9.97
N ALA B 166 20.30 -13.98 -10.29
CA ALA B 166 20.93 -14.16 -11.56
C ALA B 166 22.30 -14.79 -11.33
N VAL B 167 22.72 -15.63 -12.27
CA VAL B 167 24.05 -16.20 -12.28
C VAL B 167 24.71 -15.84 -13.61
N ASP B 168 25.84 -15.14 -13.55
CA ASP B 168 26.54 -14.66 -14.74
C ASP B 168 27.32 -15.79 -15.43
#